data_7P52
#
_entry.id   7P52
#
_cell.length_a   89.053
_cell.length_b   89.053
_cell.length_c   98.059
_cell.angle_alpha   90.000
_cell.angle_beta   90.000
_cell.angle_gamma   120.000
#
_symmetry.space_group_name_H-M   'H 3 2'
#
loop_
_entity.id
_entity.type
_entity.pdbx_description
1 polymer 'Nitrogen regulatory protein GlnK1'
2 non-polymer "ADENOSINE-5'-TRIPHOSPHATE"
3 non-polymer '2-OXOGLUTARIC ACID'
4 non-polymer GLYCEROL
5 non-polymer 'NITRATE ION'
6 non-polymer 'MAGNESIUM ION'
7 water water
#
_entity_poly.entity_id   1
_entity_poly.type   'polypeptide(L)'
_entity_poly.pdbx_seq_one_letter_code
;(FME)KKVEAIIRPEKLEIVKKALSDAGYVGMTVSEVKGRGVQGGIVERYRGREYIVDLIPKVKIELVVKEEDVDNVIDI
ICENARTGNPGDGKIFVIPVERVVRVRTKEEGKEAL
;
_entity_poly.pdbx_strand_id   A
#
loop_
_chem_comp.id
_chem_comp.type
_chem_comp.name
_chem_comp.formula
AKG non-polymer '2-OXOGLUTARIC ACID' 'C5 H6 O5'
ATP non-polymer ADENOSINE-5'-TRIPHOSPHATE 'C10 H16 N5 O13 P3'
GOL non-polymer GLYCEROL 'C3 H8 O3'
MG non-polymer 'MAGNESIUM ION' 'Mg 2'
NO3 non-polymer 'NITRATE ION' 'N O3 -1'
#
# COMPACT_ATOMS: atom_id res chain seq x y z
N FME A 1 -4.94 -2.27 17.17
N FME A 1 -4.69 -1.94 17.24
CN FME A 1 -4.00 -2.62 18.14
CN FME A 1 -3.97 -2.43 18.31
O1 FME A 1 -2.94 -3.28 17.99
O1 FME A 1 -3.98 -1.94 19.44
CA FME A 1 -4.91 -2.61 15.77
CA FME A 1 -4.76 -2.47 15.89
CB FME A 1 -6.10 -3.39 15.19
CB FME A 1 -5.94 -3.44 15.63
CG FME A 1 -6.51 -4.61 15.98
CG FME A 1 -5.79 -4.74 16.41
SD FME A 1 -5.07 -5.51 16.44
SD FME A 1 -7.04 -5.95 16.05
CE FME A 1 -5.82 -6.53 17.59
CE FME A 1 -8.33 -5.15 16.84
C FME A 1 -4.82 -1.34 14.89
C FME A 1 -4.72 -1.27 14.93
O FME A 1 -5.40 -0.27 15.14
O FME A 1 -5.25 -0.19 15.18
N LYS A 2 -4.06 -1.49 13.80
CA LYS A 2 -3.80 -0.40 12.89
C LYS A 2 -3.93 -0.90 11.46
N LYS A 3 -4.44 -0.03 10.60
CA LYS A 3 -4.43 -0.27 9.18
C LYS A 3 -3.21 0.40 8.57
N VAL A 4 -2.37 -0.39 7.91
CA VAL A 4 -1.30 0.12 7.07
C VAL A 4 -1.84 0.16 5.65
N GLU A 5 -1.98 1.37 5.14
CA GLU A 5 -2.47 1.61 3.79
CA GLU A 5 -2.46 1.60 3.79
C GLU A 5 -1.29 2.12 2.96
N ALA A 6 -0.89 1.34 1.97
CA ALA A 6 0.25 1.69 1.15
C ALA A 6 -0.18 1.77 -0.30
N ILE A 7 0.18 2.87 -0.95
CA ILE A 7 -0.06 3.08 -2.37
CA ILE A 7 -0.06 3.05 -2.36
C ILE A 7 1.29 2.93 -3.04
N ILE A 8 1.40 1.93 -3.93
CA ILE A 8 2.68 1.55 -4.54
C ILE A 8 2.53 1.34 -6.04
N ARG A 9 3.66 1.10 -6.70
CA ARG A 9 3.64 0.89 -8.15
C ARG A 9 2.97 -0.46 -8.42
N PRO A 10 2.14 -0.55 -9.48
CA PRO A 10 1.46 -1.83 -9.73
C PRO A 10 2.42 -3.00 -9.90
N GLU A 11 3.56 -2.76 -10.55
CA GLU A 11 4.52 -3.83 -10.82
C GLU A 11 5.31 -4.25 -9.59
N LYS A 12 5.11 -3.57 -8.46
CA LYS A 12 5.72 -3.99 -7.21
C LYS A 12 4.79 -4.80 -6.31
N LEU A 13 3.53 -5.01 -6.72
CA LEU A 13 2.62 -5.76 -5.87
C LEU A 13 3.17 -7.15 -5.56
N GLU A 14 3.66 -7.85 -6.58
CA GLU A 14 4.04 -9.24 -6.41
C GLU A 14 5.17 -9.39 -5.40
N ILE A 15 6.23 -8.60 -5.54
N ILE A 15 6.23 -8.59 -5.53
CA ILE A 15 7.37 -8.74 -4.63
CA ILE A 15 7.37 -8.73 -4.64
C ILE A 15 6.99 -8.27 -3.23
C ILE A 15 7.02 -8.25 -3.23
N VAL A 16 6.21 -7.20 -3.12
CA VAL A 16 5.81 -6.71 -1.80
C VAL A 16 4.93 -7.73 -1.07
N LYS A 17 3.92 -8.29 -1.76
CA LYS A 17 3.03 -9.22 -1.08
C LYS A 17 3.73 -10.52 -0.73
N LYS A 18 4.68 -10.95 -1.55
CA LYS A 18 5.46 -12.12 -1.21
C LYS A 18 6.31 -11.86 0.03
N ALA A 19 6.98 -10.69 0.08
CA ALA A 19 7.82 -10.38 1.23
C ALA A 19 6.99 -10.25 2.51
N LEU A 20 5.80 -9.63 2.41
CA LEU A 20 4.95 -9.51 3.58
C LEU A 20 4.49 -10.88 4.06
N SER A 21 4.00 -11.70 3.13
CA SER A 21 3.53 -13.03 3.47
C SER A 21 4.64 -13.85 4.12
N ASP A 22 5.85 -13.79 3.54
CA ASP A 22 6.97 -14.54 4.12
C ASP A 22 7.26 -14.14 5.55
N ALA A 23 7.02 -12.88 5.90
CA ALA A 23 7.25 -12.41 7.26
C ALA A 23 6.04 -12.60 8.17
N GLY A 24 4.97 -13.21 7.67
CA GLY A 24 3.80 -13.50 8.48
C GLY A 24 2.65 -12.53 8.33
N TYR A 25 2.74 -11.58 7.42
CA TYR A 25 1.69 -10.58 7.22
C TYR A 25 0.92 -10.97 5.96
N VAL A 26 -0.23 -11.60 6.16
CA VAL A 26 -0.96 -12.26 5.08
C VAL A 26 -2.26 -11.54 4.75
N GLY A 27 -3.06 -11.21 5.78
CA GLY A 27 -4.33 -10.56 5.54
C GLY A 27 -4.14 -9.24 4.85
N MET A 28 -4.80 -9.05 3.72
CA MET A 28 -4.56 -7.90 2.86
C MET A 28 -5.70 -7.68 1.88
N THR A 29 -6.01 -6.41 1.63
CA THR A 29 -7.01 -6.01 0.64
C THR A 29 -6.33 -5.11 -0.37
N VAL A 30 -6.54 -5.41 -1.66
CA VAL A 30 -5.84 -4.77 -2.77
C VAL A 30 -6.86 -4.08 -3.68
N SER A 31 -6.57 -2.82 -4.03
CA SER A 31 -7.46 -1.98 -4.80
C SER A 31 -6.67 -1.30 -5.92
N GLU A 32 -7.27 -1.14 -7.09
CA GLU A 32 -6.66 -0.40 -8.18
CA GLU A 32 -6.67 -0.42 -8.19
C GLU A 32 -7.06 1.05 -8.04
N VAL A 33 -6.09 1.95 -8.09
CA VAL A 33 -6.32 3.37 -7.88
C VAL A 33 -5.49 4.15 -8.90
N LYS A 34 -5.68 5.47 -8.95
CA LYS A 34 -4.77 6.36 -9.64
C LYS A 34 -4.42 7.48 -8.68
N GLY A 35 -3.27 8.11 -8.86
CA GLY A 35 -2.91 9.17 -7.92
C GLY A 35 -1.76 10.02 -8.41
N ARG A 36 -1.43 11.01 -7.59
CA ARG A 36 -0.19 11.75 -7.77
C ARG A 36 0.27 12.22 -6.40
N GLY A 37 1.56 12.49 -6.33
CA GLY A 37 2.20 12.99 -5.15
C GLY A 37 2.72 14.40 -5.34
N VAL A 38 3.86 14.70 -4.69
CA VAL A 38 4.47 16.02 -4.72
CA VAL A 38 4.32 16.08 -4.72
C VAL A 38 4.68 16.52 -6.13
N GLN A 39 5.10 15.61 -7.02
CA GLN A 39 5.51 16.06 -8.34
C GLN A 39 4.32 16.37 -9.24
N GLY A 40 3.12 15.98 -8.84
CA GLY A 40 1.94 16.35 -9.58
C GLY A 40 1.72 15.56 -10.84
N GLY A 41 2.36 14.41 -10.97
CA GLY A 41 2.23 13.65 -12.18
C GLY A 41 3.54 13.52 -12.90
N ILE A 42 3.48 13.14 -14.16
CA ILE A 42 4.65 12.89 -14.96
C ILE A 42 4.58 13.78 -16.20
N VAL A 43 5.74 14.19 -16.67
CA VAL A 43 5.85 14.93 -17.92
C VAL A 43 5.99 13.93 -19.07
N GLU A 44 5.15 14.07 -20.09
CA GLU A 44 5.24 13.24 -21.28
C GLU A 44 5.38 14.15 -22.49
N ARG A 45 5.88 13.60 -23.59
CA ARG A 45 6.08 14.38 -24.80
C ARG A 45 5.29 13.69 -25.92
N TYR A 46 4.55 14.48 -26.68
CA TYR A 46 3.80 13.95 -27.82
C TYR A 46 4.03 14.92 -28.97
N ARG A 47 4.67 14.45 -30.02
CA ARG A 47 4.92 15.26 -31.21
C ARG A 47 5.63 16.56 -30.84
N GLY A 48 6.66 16.44 -30.00
CA GLY A 48 7.52 17.56 -29.65
C GLY A 48 7.02 18.41 -28.51
N ARG A 49 5.78 18.21 -28.08
CA ARG A 49 5.19 19.01 -27.02
C ARG A 49 5.16 18.27 -25.70
N GLU A 50 5.60 18.93 -24.64
CA GLU A 50 5.54 18.31 -23.32
CA GLU A 50 5.56 18.35 -23.30
C GLU A 50 4.25 18.73 -22.62
N TYR A 51 3.65 17.76 -21.93
CA TYR A 51 2.43 17.99 -21.18
C TYR A 51 2.50 17.13 -19.91
N ILE A 52 1.63 17.45 -18.95
CA ILE A 52 1.59 16.76 -17.67
C ILE A 52 0.43 15.78 -17.66
N VAL A 53 0.74 14.55 -17.28
CA VAL A 53 -0.24 13.52 -16.98
C VAL A 53 -0.35 13.51 -15.45
N ASP A 54 -1.48 13.93 -14.91
CA ASP A 54 -1.53 14.28 -13.50
C ASP A 54 -2.14 13.20 -12.60
N LEU A 55 -2.53 12.06 -13.15
CA LEU A 55 -2.95 10.91 -12.37
C LEU A 55 -2.29 9.67 -12.96
N ILE A 56 -1.63 8.89 -12.11
CA ILE A 56 -0.82 7.74 -12.50
C ILE A 56 -1.43 6.48 -11.89
N PRO A 57 -1.54 5.36 -12.61
CA PRO A 57 -2.05 4.14 -11.97
C PRO A 57 -1.15 3.67 -10.84
N LYS A 58 -1.79 3.26 -9.75
CA LYS A 58 -1.10 2.67 -8.61
C LYS A 58 -1.96 1.53 -8.08
N VAL A 59 -1.40 0.77 -7.13
CA VAL A 59 -2.14 -0.24 -6.40
CA VAL A 59 -2.16 -0.24 -6.40
C VAL A 59 -2.13 0.14 -4.93
N LYS A 60 -3.29 0.06 -4.29
CA LYS A 60 -3.41 0.30 -2.87
C LYS A 60 -3.48 -1.05 -2.17
N ILE A 61 -2.62 -1.26 -1.19
CA ILE A 61 -2.68 -2.43 -0.35
C ILE A 61 -3.03 -1.97 1.07
N GLU A 62 -3.92 -2.70 1.72
CA GLU A 62 -4.32 -2.40 3.08
C GLU A 62 -4.12 -3.66 3.92
N LEU A 63 -3.32 -3.54 4.98
CA LEU A 63 -3.09 -4.64 5.92
C LEU A 63 -3.46 -4.14 7.31
N VAL A 64 -4.42 -4.82 7.95
CA VAL A 64 -4.72 -4.53 9.35
C VAL A 64 -3.92 -5.50 10.22
N VAL A 65 -3.19 -4.94 11.17
CA VAL A 65 -2.20 -5.65 11.97
C VAL A 65 -2.22 -5.13 13.40
N LYS A 66 -1.58 -5.87 14.30
CA LYS A 66 -1.33 -5.37 15.64
C LYS A 66 -0.40 -4.15 15.56
N GLU A 67 -0.60 -3.21 16.47
CA GLU A 67 0.22 -2.01 16.50
C GLU A 67 1.71 -2.33 16.55
N GLU A 68 2.09 -3.34 17.32
CA GLU A 68 3.51 -3.63 17.49
C GLU A 68 4.18 -4.09 16.20
N ASP A 69 3.41 -4.47 15.18
CA ASP A 69 3.92 -4.97 13.91
C ASP A 69 4.01 -3.90 12.84
N VAL A 70 3.48 -2.70 13.08
CA VAL A 70 3.44 -1.66 12.05
C VAL A 70 4.83 -1.31 11.55
N ASP A 71 5.77 -1.08 12.47
CA ASP A 71 7.14 -0.74 12.05
C ASP A 71 7.69 -1.74 11.05
N ASN A 72 7.56 -3.03 11.37
CA ASN A 72 8.10 -4.07 10.51
C ASN A 72 7.37 -4.12 9.17
N VAL A 73 6.05 -3.98 9.18
CA VAL A 73 5.30 -3.97 7.93
C VAL A 73 5.79 -2.84 7.04
N ILE A 74 5.91 -1.64 7.62
CA ILE A 74 6.38 -0.48 6.86
C ILE A 74 7.77 -0.74 6.31
N ASP A 75 8.64 -1.32 7.13
CA ASP A 75 10.01 -1.57 6.69
C ASP A 75 10.01 -2.51 5.48
N ILE A 76 9.21 -3.58 5.56
CA ILE A 76 9.15 -4.55 4.47
C ILE A 76 8.61 -3.90 3.20
N ILE A 77 7.53 -3.12 3.32
CA ILE A 77 6.97 -2.47 2.15
C ILE A 77 8.00 -1.54 1.51
N CYS A 78 8.63 -0.71 2.32
CA CYS A 78 9.57 0.26 1.76
C CYS A 78 10.75 -0.44 1.09
N GLU A 79 11.29 -1.49 1.72
N GLU A 79 11.30 -1.47 1.72
CA GLU A 79 12.45 -2.17 1.15
CA GLU A 79 12.45 -2.17 1.15
C GLU A 79 12.12 -2.78 -0.21
C GLU A 79 12.12 -2.77 -0.20
N ASN A 80 10.93 -3.33 -0.34
CA ASN A 80 10.57 -4.06 -1.55
C ASN A 80 9.86 -3.22 -2.59
N ALA A 81 9.24 -2.12 -2.20
CA ALA A 81 8.53 -1.28 -3.17
C ALA A 81 9.44 -0.22 -3.78
N ARG A 82 10.56 0.11 -3.15
CA ARG A 82 11.41 1.19 -3.61
C ARG A 82 12.10 0.84 -4.92
N THR A 83 12.22 1.85 -5.79
CA THR A 83 13.06 1.83 -6.98
C THR A 83 14.08 2.95 -7.01
N GLY A 84 13.88 4.00 -6.24
CA GLY A 84 14.75 5.15 -6.25
C GLY A 84 14.24 6.32 -7.07
N ASN A 85 13.15 6.14 -7.78
CA ASN A 85 12.57 7.21 -8.57
C ASN A 85 11.27 7.68 -7.94
N PRO A 86 10.98 8.98 -8.05
CA PRO A 86 9.70 9.48 -7.52
C PRO A 86 8.53 8.62 -7.99
N GLY A 87 7.56 8.44 -7.09
CA GLY A 87 6.41 7.61 -7.38
C GLY A 87 6.42 6.24 -6.73
N ASP A 88 7.43 5.94 -5.90
CA ASP A 88 7.54 4.61 -5.31
C ASP A 88 6.46 4.32 -4.29
N GLY A 89 5.85 5.34 -3.73
CA GLY A 89 4.73 5.08 -2.85
C GLY A 89 4.58 5.94 -1.61
N LYS A 90 3.42 5.83 -0.99
CA LYS A 90 3.10 6.57 0.22
C LYS A 90 2.37 5.60 1.13
N ILE A 91 2.65 5.68 2.42
CA ILE A 91 2.04 4.82 3.41
C ILE A 91 1.35 5.67 4.45
N PHE A 92 0.12 5.30 4.79
CA PHE A 92 -0.61 5.93 5.88
C PHE A 92 -0.95 4.86 6.92
N VAL A 93 -0.85 5.23 8.19
CA VAL A 93 -1.29 4.36 9.29
C VAL A 93 -2.55 4.95 9.89
N ILE A 94 -3.63 4.16 9.90
CA ILE A 94 -4.95 4.61 10.30
C ILE A 94 -5.43 3.72 11.45
N PRO A 95 -5.93 4.29 12.55
CA PRO A 95 -6.38 3.44 13.67
C PRO A 95 -7.59 2.61 13.28
N VAL A 96 -7.62 1.38 13.78
CA VAL A 96 -8.72 0.46 13.64
C VAL A 96 -9.19 0.08 15.05
N GLU A 97 -10.43 0.42 15.37
CA GLU A 97 -10.94 0.25 16.73
C GLU A 97 -11.58 -1.10 16.98
N ARG A 98 -11.93 -1.85 15.95
CA ARG A 98 -12.53 -3.16 16.12
CA ARG A 98 -12.60 -3.13 16.10
C ARG A 98 -12.35 -3.93 14.83
N VAL A 99 -12.15 -5.24 14.97
CA VAL A 99 -11.97 -6.16 13.86
C VAL A 99 -12.89 -7.35 14.14
N VAL A 100 -13.66 -7.77 13.13
CA VAL A 100 -14.62 -8.87 13.28
C VAL A 100 -14.49 -9.79 12.08
N ARG A 101 -14.30 -11.08 12.32
CA ARG A 101 -14.34 -12.12 11.29
C ARG A 101 -15.79 -12.55 11.07
N VAL A 102 -16.26 -12.41 9.81
CA VAL A 102 -17.68 -12.62 9.52
C VAL A 102 -18.11 -14.05 9.83
N ARG A 103 -17.30 -15.02 9.45
CA ARG A 103 -17.76 -16.41 9.49
C ARG A 103 -18.03 -16.90 10.91
N THR A 104 -17.22 -16.43 11.87
CA THR A 104 -17.17 -16.99 13.20
C THR A 104 -17.55 -15.98 14.28
N LYS A 105 -17.69 -14.70 13.93
N LYS A 105 -17.73 -14.71 13.92
CA LYS A 105 -17.96 -13.61 14.86
CA LYS A 105 -17.97 -13.62 14.86
C LYS A 105 -16.79 -13.33 15.80
C LYS A 105 -16.83 -13.43 15.85
N GLU A 106 -15.65 -13.96 15.57
CA GLU A 106 -14.48 -13.64 16.38
C GLU A 106 -14.12 -12.17 16.22
N GLU A 107 -13.57 -11.57 17.26
CA GLU A 107 -13.13 -10.19 17.26
C GLU A 107 -11.73 -10.07 17.85
N GLY A 108 -11.12 -8.92 17.65
CA GLY A 108 -9.86 -8.65 18.26
C GLY A 108 -8.67 -9.22 17.49
N LYS A 109 -7.56 -9.37 18.20
CA LYS A 109 -6.32 -9.82 17.56
C LYS A 109 -6.47 -11.19 16.91
N GLU A 110 -7.27 -12.09 17.49
CA GLU A 110 -7.41 -13.40 16.85
C GLU A 110 -8.20 -13.35 15.55
N ALA A 111 -8.90 -12.25 15.29
CA ALA A 111 -9.71 -12.09 14.10
C ALA A 111 -8.94 -11.45 12.96
N LEU A 112 -7.68 -11.09 13.18
CA LEU A 112 -6.89 -10.47 12.12
C LEU A 112 -6.68 -11.38 10.93
PG ATP B . 8.26 10.88 -4.21
O1G ATP B . 7.50 10.69 -5.49
O2G ATP B . 9.13 9.69 -3.78
O3G ATP B . 9.01 12.14 -4.17
PB ATP B . 5.67 11.60 -3.13
O1B ATP B . 5.56 12.33 -4.40
O2B ATP B . 5.40 12.30 -1.80
O3B ATP B . 7.12 11.01 -2.99
PA ATP B . 4.58 9.25 -4.36
O1A ATP B . 4.64 9.93 -5.66
O2A ATP B . 5.49 8.11 -4.24
O3A ATP B . 4.76 10.31 -3.16
O5' ATP B . 3.04 8.87 -4.14
C5' ATP B . 2.57 7.63 -4.59
C4' ATP B . 1.06 7.62 -4.53
O4' ATP B . 0.63 7.83 -3.15
C3' ATP B . 0.35 8.79 -5.33
O3' ATP B . 0.28 8.49 -6.69
C2' ATP B . -0.96 8.83 -4.61
O2' ATP B . -1.82 7.78 -4.98
C1' ATP B . -0.58 8.59 -3.14
N9 ATP B . -0.32 9.79 -2.29
C8 ATP B . 0.87 10.40 -2.14
N7 ATP B . 0.80 11.40 -1.24
C5 ATP B . -0.56 11.46 -0.95
C6 ATP B . -1.27 12.29 0.00
N6 ATP B . -0.70 13.24 0.70
N1 ATP B . -2.60 12.03 0.06
C2 ATP B . -3.15 11.04 -0.72
N3 ATP B . -2.52 10.18 -1.45
C4 ATP B . -1.25 10.45 -1.58
C1 AKG C . 4.05 12.15 -8.41
O1 AKG C . 3.13 12.70 -9.02
O2 AKG C . 4.29 12.52 -7.16
C2 AKG C . 5.05 11.15 -9.04
O5 AKG C . 5.96 10.77 -8.19
C3 AKG C . 4.90 10.83 -10.51
C4 AKG C . 5.72 9.63 -10.78
C5 AKG C . 5.00 8.39 -10.63
O3 AKG C . 5.48 7.29 -11.04
O4 AKG C . 4.04 8.33 -9.82
C1 GOL D . -1.80 -10.17 11.03
O1 GOL D . -0.47 -9.71 11.22
C2 GOL D . -1.85 -11.13 9.78
O2 GOL D . -1.33 -10.56 8.65
C3 GOL D . -3.30 -11.57 9.58
O3 GOL D . -3.32 -12.46 8.46
N NO3 E . -9.83 4.49 5.91
O1 NO3 E . -10.83 3.62 5.87
O2 NO3 E . -10.10 5.53 5.14
O3 NO3 E . -8.72 3.91 5.49
MG MG F . 5.88 11.59 -6.24
#